data_3SUW
#
_entry.id   3SUW
#
_cell.length_a   95.735
_cell.length_b   101.988
_cell.length_c   107.852
_cell.angle_alpha   90.00
_cell.angle_beta   90.00
_cell.angle_gamma   90.00
#
_symmetry.space_group_name_H-M   'C 2 2 21'
#
loop_
_entity.id
_entity.type
_entity.pdbx_description
1 polymer Beta-hexosaminidase
2 non-polymer 'SULFATE ION'
3 non-polymer 6-ACETAMIDO-6-DEOXY-CASTANOSPERMINE
4 water water
#
_entity_poly.entity_id   1
_entity_poly.type   'polypeptide(L)'
_entity_poly.pdbx_seq_one_letter_code
;MGSSHHHHHHSSGLVPRGSHMASMMSFIPESASASTSQPSILPKPVSYTVGSGQFVLTKNASIFVAGNNVGETDELFNIG
QALAKKLNASTGYTISVVKSNQPTAGSIYLTTVGGNAALGNEGYDLITTSNQVTLTANKPEGVFRGNQTLLQLLPAGIEK
NTVVSGVQWVIPHSNISDKPEYEYRGLMLDVARHFFTVDEVKRQIDLASQYKINKFHMHLSDDQGWRIEIKSWPDLIEIG
SKGQVGGGPGGYYTQEQFKDIVSYAAERYIEVIPEIDMPGHTNAALASYGELNPDGKRKAMRTDTAVGYSTLMPRAEITY
QFVEDVISELAAISPSPYIHLGGDESNATSAADYDYFFGRVTAIANSYGKKVVGWDPSDTSSGATSDSVLQNWTCSASTG
TAAKAKGMKVIVSPANAYLDMKYYSDSPIGLQWRGFVNTNRAYNWDPTDCIKGANIYGVESTLWTETFVTQDHLDYMLYP
KLLSNAEVGWTARGDRNWDDFKERLIEHTPRLQNKGIKFFADPIV
;
_entity_poly.pdbx_strand_id   A
#
loop_
_chem_comp.id
_chem_comp.type
_chem_comp.name
_chem_comp.formula
GC2 non-polymer 6-ACETAMIDO-6-DEOXY-CASTANOSPERMINE 'C10 H18 N2 O4'
SO4 non-polymer 'SULFATE ION' 'O4 S -2'
#
# COMPACT_ATOMS: atom_id res chain seq x y z
N HIS A 7 -5.44 4.64 39.47
CA HIS A 7 -4.32 4.26 38.54
C HIS A 7 -3.69 5.45 37.84
N HIS A 8 -2.39 5.33 37.53
CA HIS A 8 -1.60 6.40 36.92
C HIS A 8 -1.29 6.10 35.46
N HIS A 9 -1.28 7.15 34.65
CA HIS A 9 -1.18 7.02 33.19
C HIS A 9 -0.26 8.10 32.64
N HIS A 10 0.33 7.87 31.47
CA HIS A 10 1.16 8.89 30.81
C HIS A 10 1.27 8.72 29.27
N SER A 11 1.60 9.83 28.59
CA SER A 11 1.97 9.82 27.18
C SER A 11 3.51 9.79 26.99
N SER A 12 3.98 9.40 25.79
CA SER A 12 5.42 9.27 25.46
C SER A 12 6.12 10.57 25.07
N GLY A 13 7.31 10.81 25.65
CA GLY A 13 8.17 11.89 25.19
C GLY A 13 9.32 11.33 24.37
N LEU A 14 10.22 12.19 23.92
CA LEU A 14 11.42 11.69 23.23
C LEU A 14 12.28 10.84 24.20
N VAL A 15 12.95 9.86 23.64
CA VAL A 15 13.83 8.97 24.41
C VAL A 15 15.10 9.71 24.86
N PRO A 16 15.42 9.70 26.18
CA PRO A 16 16.67 10.33 26.58
C PRO A 16 17.88 9.70 25.88
N ARG A 17 18.75 10.56 25.39
CA ARG A 17 20.00 10.16 24.76
C ARG A 17 19.82 9.67 23.30
N GLY A 18 18.64 9.90 22.72
CA GLY A 18 18.44 9.62 21.31
C GLY A 18 17.62 8.36 21.00
N SER A 19 17.32 8.16 19.71
CA SER A 19 16.47 7.06 19.30
C SER A 19 17.09 5.72 19.67
N HIS A 20 16.27 4.76 20.09
CA HIS A 20 16.75 3.36 20.16
C HIS A 20 17.06 2.74 18.80
N MET A 21 16.50 3.26 17.71
CA MET A 21 16.79 2.77 16.36
C MET A 21 18.12 3.32 15.78
N SER A 37 14.46 -17.38 18.49
CA SER A 37 14.69 -16.89 19.84
C SER A 37 14.14 -15.47 20.10
N GLN A 38 14.35 -14.52 19.17
CA GLN A 38 13.58 -13.24 19.19
C GLN A 38 12.86 -12.82 17.89
N PRO A 39 11.68 -13.43 17.63
CA PRO A 39 10.82 -13.07 16.53
C PRO A 39 10.30 -11.65 16.65
N SER A 40 10.18 -10.96 15.51
CA SER A 40 9.66 -9.58 15.51
C SER A 40 8.42 -9.46 14.62
N ILE A 41 7.26 -9.82 15.16
CA ILE A 41 6.03 -9.81 14.34
C ILE A 41 5.30 -8.47 14.34
N LEU A 42 5.20 -7.91 13.14
CA LEU A 42 4.59 -6.62 12.88
C LEU A 42 3.90 -6.76 11.54
N PRO A 43 2.57 -6.50 11.48
CA PRO A 43 1.66 -6.09 12.57
C PRO A 43 1.50 -7.18 13.63
N LYS A 44 1.11 -6.80 14.84
CA LYS A 44 0.83 -7.77 15.91
C LYS A 44 -0.33 -8.71 15.51
N PRO A 45 -0.11 -10.03 15.60
CA PRO A 45 -1.12 -11.03 15.25
C PRO A 45 -2.18 -11.20 16.33
N VAL A 46 -3.31 -11.81 15.97
CA VAL A 46 -4.41 -11.98 16.94
C VAL A 46 -3.93 -12.75 18.20
N SER A 47 -3.07 -13.76 17.99
CA SER A 47 -2.52 -14.53 19.12
C SER A 47 -1.19 -15.15 18.78
N TYR A 48 -0.32 -15.21 19.79
CA TYR A 48 1.03 -15.70 19.63
C TYR A 48 1.48 -16.26 20.97
N THR A 49 1.69 -17.57 21.04
CA THR A 49 2.21 -18.20 22.25
C THR A 49 3.47 -18.94 21.87
N VAL A 50 4.37 -19.10 22.83
CA VAL A 50 5.65 -19.76 22.60
C VAL A 50 5.78 -20.91 23.61
N GLY A 51 6.32 -22.03 23.17
CA GLY A 51 6.55 -23.18 24.03
C GLY A 51 8.02 -23.54 24.02
N SER A 52 8.36 -24.70 24.60
CA SER A 52 9.76 -25.08 24.73
C SER A 52 10.24 -25.75 23.43
N GLY A 53 11.49 -25.54 23.07
CA GLY A 53 12.00 -26.14 21.85
C GLY A 53 12.02 -25.18 20.67
N GLN A 54 12.67 -25.64 19.61
CA GLN A 54 12.82 -24.83 18.41
C GLN A 54 12.94 -25.72 17.17
N PHE A 55 12.52 -25.16 16.06
CA PHE A 55 12.71 -25.74 14.76
C PHE A 55 14.01 -25.16 14.24
N VAL A 56 14.80 -25.96 13.54
CA VAL A 56 16.03 -25.49 12.92
C VAL A 56 15.89 -25.63 11.41
N LEU A 57 15.99 -24.52 10.71
CA LEU A 57 16.02 -24.52 9.23
C LEU A 57 17.42 -24.90 8.77
N THR A 58 17.56 -26.03 8.07
CA THR A 58 18.87 -26.50 7.63
C THR A 58 18.95 -26.55 6.11
N LYS A 59 20.12 -26.91 5.59
CA LYS A 59 20.36 -26.89 4.15
C LYS A 59 19.55 -27.94 3.40
N ASN A 60 19.08 -28.94 4.13
CA ASN A 60 18.27 -29.99 3.53
C ASN A 60 16.75 -29.80 3.62
N ALA A 61 16.31 -28.64 4.10
CA ALA A 61 14.88 -28.39 4.25
C ALA A 61 14.21 -28.27 2.88
N SER A 62 12.98 -28.73 2.78
CA SER A 62 12.12 -28.48 1.61
C SER A 62 10.85 -27.76 2.07
N ILE A 63 10.17 -27.11 1.13
CA ILE A 63 8.86 -26.55 1.35
C ILE A 63 7.84 -27.47 0.69
N PHE A 64 6.94 -28.03 1.49
CA PHE A 64 5.89 -28.89 0.98
C PHE A 64 4.62 -28.07 0.83
N VAL A 65 3.89 -28.27 -0.27
CA VAL A 65 2.61 -27.53 -0.47
C VAL A 65 1.46 -28.48 -0.80
N ALA A 66 0.28 -28.18 -0.28
CA ALA A 66 -0.90 -29.04 -0.48
C ALA A 66 -2.19 -28.25 -0.40
N GLY A 67 -2.95 -28.23 -1.49
CA GLY A 67 -4.24 -27.52 -1.54
C GLY A 67 -5.37 -28.53 -1.68
N ASN A 68 -6.60 -28.02 -1.78
CA ASN A 68 -7.75 -28.90 -1.81
C ASN A 68 -7.99 -29.57 -3.16
N ASN A 69 -7.33 -29.05 -4.20
CA ASN A 69 -7.33 -29.63 -5.54
C ASN A 69 -6.04 -29.25 -6.24
N VAL A 70 -5.83 -29.78 -7.44
CA VAL A 70 -4.55 -29.57 -8.11
C VAL A 70 -4.29 -28.11 -8.48
N GLY A 71 -5.33 -27.38 -8.85
CA GLY A 71 -5.17 -25.97 -9.21
C GLY A 71 -4.77 -25.11 -8.01
N GLU A 72 -5.35 -25.41 -6.85
CA GLU A 72 -4.97 -24.71 -5.62
C GLU A 72 -3.57 -25.08 -5.17
N THR A 73 -3.23 -26.37 -5.27
CA THR A 73 -1.86 -26.81 -5.01
C THR A 73 -0.87 -26.08 -5.93
N ASP A 74 -1.19 -25.96 -7.21
CA ASP A 74 -0.30 -25.22 -8.14
C ASP A 74 -0.09 -23.74 -7.73
N GLU A 75 -1.14 -23.09 -7.22
CA GLU A 75 -1.01 -21.70 -6.75
C GLU A 75 -0.16 -21.65 -5.49
N LEU A 76 -0.36 -22.62 -4.61
CA LEU A 76 0.46 -22.75 -3.38
C LEU A 76 1.93 -22.97 -3.72
N PHE A 77 2.17 -23.71 -4.80
CA PHE A 77 3.52 -24.02 -5.29
C PHE A 77 4.28 -22.74 -5.67
N ASN A 78 3.61 -21.82 -6.35
CA ASN A 78 4.20 -20.52 -6.69
C ASN A 78 4.53 -19.69 -5.45
N ILE A 79 3.61 -19.74 -4.48
CA ILE A 79 3.82 -19.05 -3.20
C ILE A 79 5.02 -19.64 -2.46
N GLY A 80 5.11 -20.97 -2.45
CA GLY A 80 6.26 -21.67 -1.89
C GLY A 80 7.56 -21.28 -2.56
N GLN A 81 7.57 -21.16 -3.88
CA GLN A 81 8.78 -20.78 -4.60
C GLN A 81 9.23 -19.37 -4.25
N ALA A 82 8.28 -18.42 -4.12
CA ALA A 82 8.62 -17.06 -3.68
C ALA A 82 9.25 -17.08 -2.26
N LEU A 83 8.71 -17.92 -1.39
CA LEU A 83 9.23 -18.05 -0.02
C LEU A 83 10.65 -18.62 -0.04
N ALA A 84 10.85 -19.68 -0.82
CA ALA A 84 12.16 -20.33 -0.99
C ALA A 84 13.24 -19.37 -1.51
N LYS A 85 12.92 -18.63 -2.55
CA LYS A 85 13.82 -17.60 -3.07
C LYS A 85 14.28 -16.66 -1.96
N LYS A 86 13.35 -16.18 -1.10
CA LYS A 86 13.71 -15.27 -0.02
C LYS A 86 14.63 -15.93 1.01
N LEU A 87 14.28 -17.17 1.38
CA LEU A 87 15.03 -17.92 2.37
C LEU A 87 16.40 -18.27 1.82
N ASN A 88 16.45 -18.64 0.54
CA ASN A 88 17.74 -18.99 -0.09
C ASN A 88 18.73 -17.83 -0.14
N ALA A 89 18.22 -16.61 -0.31
CA ALA A 89 19.09 -15.42 -0.48
C ALA A 89 19.96 -15.15 0.76
N SER A 90 19.37 -15.27 1.95
CA SER A 90 20.07 -15.06 3.22
C SER A 90 20.77 -16.32 3.77
N THR A 91 20.18 -17.50 3.59
CA THR A 91 20.76 -18.71 4.17
C THR A 91 21.88 -19.27 3.27
N GLY A 92 21.78 -18.96 1.97
CA GLY A 92 22.69 -19.53 0.98
C GLY A 92 22.31 -20.97 0.66
N TYR A 93 21.13 -21.39 1.13
CA TYR A 93 20.65 -22.73 0.80
C TYR A 93 19.99 -22.78 -0.57
N THR A 94 19.64 -23.97 -1.01
CA THR A 94 18.81 -24.10 -2.20
C THR A 94 17.61 -24.94 -1.84
N ILE A 95 16.73 -24.34 -1.05
CA ILE A 95 15.49 -24.98 -0.62
C ILE A 95 14.58 -25.09 -1.83
N SER A 96 14.07 -26.30 -2.06
CA SER A 96 13.13 -26.49 -3.15
C SER A 96 11.71 -26.79 -2.65
N VAL A 97 10.75 -26.71 -3.57
CA VAL A 97 9.33 -26.81 -3.24
C VAL A 97 8.76 -28.12 -3.81
N VAL A 98 8.03 -28.86 -2.97
CA VAL A 98 7.48 -30.16 -3.36
C VAL A 98 5.96 -30.11 -3.23
N LYS A 99 5.27 -30.60 -4.25
CA LYS A 99 3.82 -30.79 -4.15
C LYS A 99 3.50 -32.13 -3.48
N SER A 100 3.21 -32.11 -2.18
CA SER A 100 2.92 -33.31 -1.38
C SER A 100 2.34 -32.91 -0.03
N ASN A 101 1.44 -33.73 0.50
CA ASN A 101 0.94 -33.51 1.83
C ASN A 101 1.62 -34.42 2.87
N GLN A 102 2.82 -34.89 2.56
CA GLN A 102 3.62 -35.72 3.49
C GLN A 102 4.98 -35.11 3.80
N PRO A 103 4.98 -33.91 4.44
CA PRO A 103 6.27 -33.33 4.74
C PRO A 103 7.06 -34.20 5.68
N THR A 104 8.36 -34.07 5.53
CA THR A 104 9.39 -34.84 6.17
C THR A 104 9.91 -33.97 7.36
N ALA A 105 10.56 -34.57 8.36
CA ALA A 105 11.12 -33.79 9.47
C ALA A 105 12.03 -32.68 8.95
N GLY A 106 11.93 -31.48 9.53
CA GLY A 106 12.72 -30.31 9.08
C GLY A 106 12.07 -29.50 7.95
N SER A 107 10.86 -29.90 7.56
CA SER A 107 10.12 -29.25 6.47
C SER A 107 9.34 -28.01 6.91
N ILE A 108 9.15 -27.10 5.96
CA ILE A 108 8.08 -26.12 6.05
C ILE A 108 6.88 -26.67 5.26
N TYR A 109 5.68 -26.56 5.82
CA TYR A 109 4.47 -27.11 5.16
C TYR A 109 3.38 -26.05 5.06
N LEU A 110 2.95 -25.80 3.84
CA LEU A 110 1.97 -24.77 3.52
C LEU A 110 0.76 -25.48 2.96
N THR A 111 -0.38 -25.29 3.63
CA THR A 111 -1.59 -25.98 3.23
C THR A 111 -2.85 -25.12 3.41
N THR A 112 -3.88 -25.42 2.59
CA THR A 112 -5.20 -24.82 2.72
C THR A 112 -6.23 -25.89 3.05
N VAL A 113 -5.76 -27.11 3.32
CA VAL A 113 -6.67 -28.20 3.62
C VAL A 113 -7.07 -28.12 5.10
N GLY A 114 -8.34 -27.78 5.36
CA GLY A 114 -8.86 -27.68 6.72
C GLY A 114 -8.72 -26.31 7.37
N GLY A 115 -8.48 -25.28 6.57
CA GLY A 115 -8.44 -23.91 7.08
C GLY A 115 -9.60 -23.60 8.02
N ASN A 116 -9.34 -22.82 9.07
CA ASN A 116 -10.39 -22.35 9.97
C ASN A 116 -11.12 -21.17 9.31
N ALA A 117 -12.38 -21.40 8.87
CA ALA A 117 -13.17 -20.42 8.09
C ALA A 117 -13.32 -19.07 8.77
N ALA A 118 -13.30 -19.07 10.10
CA ALA A 118 -13.48 -17.85 10.87
C ALA A 118 -12.32 -16.87 10.65
N LEU A 119 -11.20 -17.36 10.14
CA LEU A 119 -10.06 -16.48 9.89
C LEU A 119 -10.13 -15.77 8.53
N GLY A 120 -11.10 -16.12 7.69
CA GLY A 120 -11.33 -15.41 6.43
C GLY A 120 -10.27 -15.66 5.37
N ASN A 121 -10.33 -14.91 4.25
CA ASN A 121 -9.40 -15.12 3.11
C ASN A 121 -7.94 -14.83 3.43
N GLU A 122 -7.69 -13.85 4.31
CA GLU A 122 -6.33 -13.43 4.61
C GLU A 122 -5.72 -14.04 5.89
N GLY A 123 -6.53 -14.81 6.61
CA GLY A 123 -6.15 -15.36 7.93
C GLY A 123 -5.44 -16.69 7.83
N TYR A 124 -4.82 -17.11 8.92
CA TYR A 124 -3.97 -18.32 8.89
C TYR A 124 -3.68 -18.76 10.32
N ASP A 125 -3.38 -20.05 10.49
CA ASP A 125 -2.75 -20.57 11.71
C ASP A 125 -1.30 -20.89 11.32
N LEU A 126 -0.36 -20.65 12.23
CA LEU A 126 1.04 -20.94 11.95
C LEU A 126 1.62 -21.57 13.19
N ILE A 127 1.84 -22.88 13.10
CA ILE A 127 2.31 -23.65 14.24
C ILE A 127 3.68 -24.23 13.93
N THR A 128 4.63 -23.95 14.83
CA THR A 128 6.02 -24.41 14.67
C THR A 128 6.31 -25.37 15.80
N THR A 129 6.79 -26.55 15.41
CA THR A 129 7.21 -27.60 16.36
C THR A 129 8.68 -27.86 16.04
N SER A 130 9.32 -28.71 16.84
CA SER A 130 10.71 -29.07 16.59
C SER A 130 10.97 -29.65 15.19
N ASN A 131 10.03 -30.45 14.70
CA ASN A 131 10.21 -31.11 13.43
C ASN A 131 9.60 -30.40 12.20
N GLN A 132 8.70 -29.45 12.42
CA GLN A 132 7.93 -28.94 11.29
C GLN A 132 7.32 -27.56 11.52
N VAL A 133 7.34 -26.74 10.46
CA VAL A 133 6.60 -25.48 10.39
C VAL A 133 5.35 -25.75 9.58
N THR A 134 4.18 -25.51 10.16
CA THR A 134 2.92 -25.74 9.45
C THR A 134 2.07 -24.48 9.38
N LEU A 135 1.89 -24.01 8.16
CA LEU A 135 1.03 -22.86 7.92
C LEU A 135 -0.30 -23.37 7.32
N THR A 136 -1.40 -23.20 8.07
CA THR A 136 -2.73 -23.64 7.62
C THR A 136 -3.61 -22.43 7.37
N ALA A 137 -4.07 -22.25 6.14
CA ALA A 137 -4.98 -21.14 5.80
C ALA A 137 -6.21 -21.61 5.05
N ASN A 138 -7.13 -20.68 4.81
CA ASN A 138 -8.33 -20.93 4.01
C ASN A 138 -8.10 -20.82 2.51
N LYS A 139 -7.22 -19.88 2.12
CA LYS A 139 -6.97 -19.56 0.72
C LYS A 139 -5.49 -19.34 0.55
N PRO A 140 -4.97 -19.51 -0.69
CA PRO A 140 -3.58 -19.15 -0.99
C PRO A 140 -3.19 -17.75 -0.47
N GLU A 141 -4.10 -16.78 -0.60
CA GLU A 141 -3.80 -15.42 -0.16
C GLU A 141 -3.37 -15.43 1.31
N GLY A 142 -4.09 -16.19 2.14
CA GLY A 142 -3.79 -16.28 3.56
C GLY A 142 -2.46 -16.97 3.82
N VAL A 143 -2.08 -17.92 2.97
CA VAL A 143 -0.72 -18.47 3.12
C VAL A 143 0.33 -17.45 2.75
N PHE A 144 0.08 -16.66 1.71
CA PHE A 144 1.01 -15.56 1.42
C PHE A 144 1.18 -14.62 2.63
N ARG A 145 0.08 -14.18 3.23
CA ARG A 145 0.15 -13.28 4.41
C ARG A 145 0.88 -13.98 5.57
N GLY A 146 0.54 -15.24 5.84
CA GLY A 146 1.20 -15.97 6.94
C GLY A 146 2.71 -16.10 6.74
N ASN A 147 3.15 -16.23 5.47
CA ASN A 147 4.58 -16.30 5.13
C ASN A 147 5.33 -15.04 5.55
N GLN A 148 4.62 -13.92 5.61
CA GLN A 148 5.22 -12.65 6.07
C GLN A 148 5.53 -12.75 7.57
N THR A 149 4.67 -13.46 8.30
CA THR A 149 4.87 -13.71 9.73
C THR A 149 6.01 -14.71 9.90
N LEU A 150 6.03 -15.74 9.06
CA LEU A 150 7.07 -16.76 9.13
C LEU A 150 8.49 -16.14 8.97
N LEU A 151 8.64 -15.24 8.01
CA LEU A 151 9.91 -14.52 7.86
C LEU A 151 10.31 -13.75 9.09
N GLN A 152 9.31 -13.29 9.85
CA GLN A 152 9.57 -12.54 11.10
C GLN A 152 9.87 -13.43 12.31
N LEU A 153 9.52 -14.71 12.22
CA LEU A 153 9.84 -15.68 13.29
C LEU A 153 11.29 -16.16 13.24
N LEU A 154 11.87 -16.20 12.05
CA LEU A 154 13.27 -16.53 11.88
C LEU A 154 14.15 -15.37 12.37
N PRO A 155 15.44 -15.64 12.66
CA PRO A 155 16.32 -14.59 13.20
C PRO A 155 16.56 -13.43 12.22
N ALA A 156 16.70 -12.23 12.78
CA ALA A 156 17.21 -11.12 12.03
C ALA A 156 18.49 -11.61 11.33
N GLY A 157 18.59 -11.24 10.07
CA GLY A 157 19.60 -11.78 9.17
C GLY A 157 18.92 -12.50 8.03
N ILE A 158 17.79 -13.15 8.32
CA ILE A 158 16.99 -13.85 7.28
C ILE A 158 16.51 -12.90 6.14
N GLU A 159 16.37 -11.63 6.44
CA GLU A 159 15.82 -10.70 5.46
C GLU A 159 16.92 -10.00 4.69
N LYS A 160 18.14 -10.51 4.82
CA LYS A 160 19.27 -10.03 4.07
C LYS A 160 19.14 -10.51 2.61
N ASN A 161 19.64 -9.71 1.68
CA ASN A 161 19.61 -10.07 0.27
C ASN A 161 20.89 -10.79 -0.17
N THR A 162 21.82 -10.99 0.77
CA THR A 162 23.07 -11.74 0.50
C THR A 162 23.26 -12.72 1.66
N VAL A 163 24.06 -13.77 1.43
CA VAL A 163 24.26 -14.85 2.42
C VAL A 163 24.83 -14.37 3.77
N VAL A 164 24.12 -14.70 4.86
CA VAL A 164 24.53 -14.41 6.23
C VAL A 164 25.16 -15.67 6.80
N SER A 165 26.37 -15.54 7.33
CA SER A 165 27.01 -16.65 8.02
C SER A 165 26.97 -16.40 9.53
N GLY A 166 27.13 -17.47 10.31
CA GLY A 166 27.27 -17.37 11.75
C GLY A 166 25.98 -17.23 12.53
N VAL A 167 24.84 -17.44 11.84
CA VAL A 167 23.52 -17.32 12.48
C VAL A 167 22.80 -18.66 12.36
N GLN A 168 22.44 -19.29 13.48
CA GLN A 168 21.69 -20.54 13.36
C GLN A 168 20.26 -20.18 12.97
N TRP A 169 19.73 -20.85 11.96
CA TRP A 169 18.39 -20.49 11.46
C TRP A 169 17.27 -21.17 12.26
N VAL A 170 16.90 -20.55 13.38
CA VAL A 170 15.97 -21.21 14.31
C VAL A 170 14.65 -20.48 14.36
N ILE A 171 13.59 -21.21 14.65
CA ILE A 171 12.25 -20.66 14.93
C ILE A 171 11.75 -21.28 16.25
N PRO A 172 11.30 -20.44 17.22
CA PRO A 172 10.84 -21.02 18.49
C PRO A 172 9.59 -21.88 18.29
N HIS A 173 9.45 -22.97 19.05
CA HIS A 173 8.17 -23.68 19.13
C HIS A 173 7.10 -22.66 19.50
N SER A 174 6.05 -22.55 18.67
CA SER A 174 5.10 -21.46 18.83
C SER A 174 3.79 -21.69 18.09
N ASN A 175 2.78 -20.92 18.46
CA ASN A 175 1.43 -21.07 17.90
C ASN A 175 0.87 -19.68 17.63
N ILE A 176 0.61 -19.40 16.35
CA ILE A 176 0.04 -18.11 15.93
C ILE A 176 -1.29 -18.36 15.21
N SER A 177 -2.32 -17.59 15.59
CA SER A 177 -3.50 -17.48 14.75
C SER A 177 -3.65 -15.98 14.45
N ASP A 178 -4.24 -15.65 13.30
CA ASP A 178 -4.22 -14.27 12.82
C ASP A 178 -5.22 -14.07 11.70
N LYS A 179 -5.64 -12.82 11.54
CA LYS A 179 -6.58 -12.37 10.52
C LYS A 179 -6.61 -10.84 10.63
N PRO A 180 -6.89 -10.13 9.51
CA PRO A 180 -6.96 -8.66 9.59
C PRO A 180 -8.26 -8.13 10.21
N GLU A 181 -8.15 -6.97 10.84
CA GLU A 181 -9.33 -6.20 11.29
C GLU A 181 -10.02 -5.52 10.09
N TYR A 182 -9.21 -4.89 9.22
CA TYR A 182 -9.76 -4.20 8.04
C TYR A 182 -9.35 -4.89 6.75
N GLU A 183 -10.24 -4.90 5.77
CA GLU A 183 -10.02 -5.51 4.46
C GLU A 183 -9.05 -4.72 3.57
N TYR A 184 -9.10 -3.40 3.69
CA TYR A 184 -8.30 -2.53 2.83
C TYR A 184 -7.19 -1.90 3.67
N ARG A 185 -5.96 -2.21 3.31
CA ARG A 185 -4.80 -1.73 4.05
C ARG A 185 -3.81 -1.32 2.99
N GLY A 186 -3.81 -0.03 2.64
CA GLY A 186 -3.11 0.35 1.42
C GLY A 186 -2.02 1.39 1.54
N LEU A 187 -1.26 1.52 0.47
CA LEU A 187 -0.22 2.57 0.33
C LEU A 187 -0.43 3.26 -1.02
N MET A 188 -0.46 4.60 -1.02
CA MET A 188 -0.43 5.35 -2.26
C MET A 188 0.96 5.96 -2.47
N LEU A 189 1.51 5.82 -3.67
CA LEU A 189 2.71 6.52 -4.07
C LEU A 189 2.37 7.57 -5.13
N ASP A 190 2.75 8.82 -4.86
CA ASP A 190 2.63 9.90 -5.85
C ASP A 190 3.85 9.82 -6.81
N VAL A 191 3.60 9.42 -8.05
CA VAL A 191 4.65 9.35 -9.07
C VAL A 191 4.59 10.51 -10.07
N ALA A 192 3.64 11.44 -9.82
CA ALA A 192 3.44 12.63 -10.66
C ALA A 192 4.36 13.81 -10.27
N ARG A 193 4.42 14.09 -8.97
CA ARG A 193 5.24 15.20 -8.46
C ARG A 193 6.75 14.94 -8.64
N HIS A 194 7.18 13.71 -8.38
CA HIS A 194 8.48 13.18 -8.80
C HIS A 194 8.26 11.75 -9.28
N PHE A 195 8.94 11.41 -10.36
CA PHE A 195 8.82 10.11 -10.98
C PHE A 195 9.76 9.09 -10.32
N PHE A 196 9.28 7.86 -10.19
CA PHE A 196 10.11 6.77 -9.68
C PHE A 196 10.04 5.62 -10.66
N THR A 197 11.18 4.93 -10.84
CA THR A 197 11.32 3.89 -11.84
C THR A 197 10.45 2.69 -11.52
N VAL A 198 10.23 1.87 -12.54
CA VAL A 198 9.53 0.60 -12.33
C VAL A 198 10.20 -0.22 -11.19
N ASP A 199 11.54 -0.28 -11.17
CA ASP A 199 12.28 -1.01 -10.13
C ASP A 199 12.04 -0.41 -8.73
N GLU A 200 12.06 0.92 -8.68
CA GLU A 200 11.82 1.64 -7.43
C GLU A 200 10.39 1.40 -6.89
N VAL A 201 9.40 1.42 -7.79
CA VAL A 201 8.02 1.12 -7.45
C VAL A 201 7.84 -0.33 -6.97
N LYS A 202 8.39 -1.28 -7.73
CA LYS A 202 8.39 -2.69 -7.31
C LYS A 202 9.01 -2.90 -5.92
N ARG A 203 10.13 -2.23 -5.65
CA ARG A 203 10.75 -2.36 -4.34
C ARG A 203 9.81 -1.87 -3.22
N GLN A 204 9.18 -0.71 -3.42
CA GLN A 204 8.22 -0.24 -2.39
C GLN A 204 7.03 -1.18 -2.19
N ILE A 205 6.50 -1.73 -3.29
CA ILE A 205 5.44 -2.72 -3.24
C ILE A 205 5.93 -3.95 -2.45
N ASP A 206 7.13 -4.45 -2.81
CA ASP A 206 7.74 -5.58 -2.09
C ASP A 206 7.90 -5.34 -0.57
N LEU A 207 8.52 -4.23 -0.19
CA LEU A 207 8.68 -3.87 1.22
C LEU A 207 7.34 -3.79 1.95
N ALA A 208 6.37 -3.10 1.35
CA ALA A 208 5.03 -2.95 1.95
C ALA A 208 4.39 -4.30 2.19
N SER A 209 4.51 -5.22 1.22
CA SER A 209 3.87 -6.55 1.32
C SER A 209 4.32 -7.32 2.56
N GLN A 210 5.54 -7.05 3.03
CA GLN A 210 6.13 -7.79 4.15
C GLN A 210 5.45 -7.36 5.47
N TYR A 211 4.70 -6.27 5.44
CA TYR A 211 3.95 -5.80 6.61
C TYR A 211 2.44 -5.92 6.38
N LYS A 212 2.07 -6.80 5.43
CA LYS A 212 0.68 -7.19 5.11
C LYS A 212 -0.19 -6.08 4.51
N ILE A 213 0.47 -5.07 3.96
CA ILE A 213 -0.19 -4.11 3.08
C ILE A 213 -0.66 -4.94 1.89
N ASN A 214 -1.94 -4.77 1.54
CA ASN A 214 -2.56 -5.57 0.49
C ASN A 214 -3.14 -4.76 -0.68
N LYS A 215 -2.95 -3.43 -0.66
CA LYS A 215 -3.41 -2.52 -1.74
C LYS A 215 -2.35 -1.49 -2.09
N PHE A 216 -2.18 -1.23 -3.39
CA PHE A 216 -1.25 -0.19 -3.85
C PHE A 216 -1.97 0.76 -4.82
N HIS A 217 -2.08 2.02 -4.41
CA HIS A 217 -2.76 3.06 -5.17
C HIS A 217 -1.70 3.93 -5.86
N MET A 218 -1.74 4.02 -7.19
CA MET A 218 -0.73 4.80 -7.95
C MET A 218 -1.35 6.10 -8.43
N HIS A 219 -0.82 7.19 -7.91
CA HIS A 219 -1.24 8.52 -8.33
C HIS A 219 -0.41 8.88 -9.58
N LEU A 220 -1.01 8.61 -10.74
CA LEU A 220 -0.32 8.54 -12.02
C LEU A 220 -0.31 9.87 -12.78
N SER A 221 -1.10 10.84 -12.31
CA SER A 221 -1.17 12.13 -12.99
C SER A 221 -1.48 13.23 -12.01
N ASP A 222 -0.92 14.40 -12.27
CA ASP A 222 -1.23 15.60 -11.50
C ASP A 222 -0.82 16.82 -12.34
N ASP A 223 -0.66 17.96 -11.68
CA ASP A 223 -0.35 19.22 -12.38
C ASP A 223 1.02 19.17 -13.03
N GLN A 224 1.98 18.54 -12.36
CA GLN A 224 3.37 18.61 -12.79
C GLN A 224 3.82 17.46 -13.68
N GLY A 225 2.96 16.45 -13.88
CA GLY A 225 3.33 15.30 -14.70
C GLY A 225 2.20 14.31 -14.96
N TRP A 226 2.26 13.69 -16.12
CA TRP A 226 1.35 12.63 -16.55
C TRP A 226 2.22 11.42 -16.80
N ARG A 227 1.92 10.29 -16.14
CA ARG A 227 2.89 9.17 -16.06
C ARG A 227 2.45 7.86 -16.70
N ILE A 228 1.32 7.85 -17.40
CA ILE A 228 0.87 6.62 -18.05
C ILE A 228 0.65 6.79 -19.58
N GLU A 229 1.27 5.93 -20.37
CA GLU A 229 1.09 5.96 -21.81
C GLU A 229 -0.40 5.76 -22.17
N ILE A 230 -0.94 6.71 -22.93
CA ILE A 230 -2.29 6.64 -23.52
C ILE A 230 -2.11 6.74 -25.03
N LYS A 231 -2.26 5.60 -25.69
CA LYS A 231 -1.99 5.49 -27.13
C LYS A 231 -2.82 6.47 -28.00
N SER A 232 -4.08 6.67 -27.62
CA SER A 232 -4.99 7.56 -28.39
C SER A 232 -4.69 9.05 -28.18
N TRP A 233 -3.86 9.37 -27.18
CA TRP A 233 -3.50 10.74 -26.80
C TRP A 233 -1.98 10.81 -26.48
N PRO A 234 -1.14 10.57 -27.52
CA PRO A 234 0.30 10.34 -27.30
C PRO A 234 1.07 11.52 -26.71
N ASP A 235 0.59 12.74 -26.89
CA ASP A 235 1.28 13.88 -26.31
C ASP A 235 1.18 13.98 -24.79
N LEU A 236 0.29 13.20 -24.17
CA LEU A 236 0.27 13.10 -22.69
C LEU A 236 1.65 12.70 -22.19
N ILE A 237 2.30 11.82 -22.94
CA ILE A 237 3.67 11.40 -22.66
C ILE A 237 4.68 12.34 -23.31
N GLU A 238 4.52 12.58 -24.61
CA GLU A 238 5.51 13.35 -25.38
C GLU A 238 5.75 14.75 -24.82
N ILE A 239 4.69 15.34 -24.24
CA ILE A 239 4.74 16.65 -23.62
C ILE A 239 4.54 16.56 -22.10
N GLY A 240 3.47 15.90 -21.68
CA GLY A 240 3.10 15.90 -20.25
C GLY A 240 3.99 15.13 -19.27
N SER A 241 4.80 14.20 -19.76
CA SER A 241 5.64 13.40 -18.85
C SER A 241 7.03 14.01 -18.67
N LYS A 242 7.29 15.11 -19.39
CA LYS A 242 8.67 15.62 -19.50
C LYS A 242 9.14 16.52 -18.37
N GLY A 243 8.37 16.65 -17.30
CA GLY A 243 8.81 17.45 -16.15
C GLY A 243 8.41 16.81 -14.83
N GLN A 244 8.50 17.60 -13.76
CA GLN A 244 8.17 17.17 -12.40
C GLN A 244 8.35 18.42 -11.54
N VAL A 245 8.01 18.33 -10.24
CA VAL A 245 8.25 19.44 -9.31
C VAL A 245 9.72 19.83 -9.35
N GLY A 246 9.96 21.14 -9.43
CA GLY A 246 11.31 21.70 -9.41
C GLY A 246 12.00 21.69 -10.77
N GLY A 247 11.39 21.08 -11.77
CA GLY A 247 12.01 20.92 -13.08
C GLY A 247 13.00 19.79 -12.98
N GLY A 248 13.14 19.03 -14.05
CA GLY A 248 13.87 17.76 -14.00
C GLY A 248 13.36 16.96 -15.19
N PRO A 249 13.95 15.78 -15.45
CA PRO A 249 13.56 15.06 -16.65
C PRO A 249 12.17 14.40 -16.60
N GLY A 250 11.64 14.10 -15.42
CA GLY A 250 10.34 13.40 -15.39
C GLY A 250 10.46 11.92 -15.74
N GLY A 251 9.50 11.40 -16.51
CA GLY A 251 9.47 9.97 -16.82
C GLY A 251 8.04 9.49 -17.00
N TYR A 252 7.88 8.23 -17.44
CA TYR A 252 6.55 7.64 -17.55
C TYR A 252 6.65 6.14 -17.61
N TYR A 253 5.50 5.48 -17.42
CA TYR A 253 5.35 4.05 -17.64
C TYR A 253 4.64 3.79 -18.95
N THR A 254 5.27 2.98 -19.80
CA THR A 254 4.53 2.43 -20.95
C THR A 254 3.41 1.53 -20.40
N GLN A 255 2.43 1.21 -21.24
CA GLN A 255 1.41 0.26 -20.82
C GLN A 255 2.00 -1.11 -20.42
N GLU A 256 3.07 -1.53 -21.10
CA GLU A 256 3.70 -2.80 -20.75
C GLU A 256 4.33 -2.73 -19.37
N GLN A 257 4.93 -1.59 -19.07
CA GLN A 257 5.56 -1.40 -17.76
C GLN A 257 4.51 -1.36 -16.64
N PHE A 258 3.35 -0.76 -16.94
CA PHE A 258 2.25 -0.76 -15.97
C PHE A 258 1.76 -2.19 -15.73
N LYS A 259 1.55 -2.95 -16.81
CA LYS A 259 1.17 -4.36 -16.67
C LYS A 259 2.16 -5.15 -15.82
N ASP A 260 3.45 -4.88 -16.00
CA ASP A 260 4.52 -5.52 -15.25
C ASP A 260 4.37 -5.20 -13.75
N ILE A 261 4.12 -3.92 -13.42
CA ILE A 261 3.85 -3.52 -12.00
C ILE A 261 2.64 -4.31 -11.43
N VAL A 262 1.55 -4.35 -12.18
CA VAL A 262 0.33 -5.05 -11.76
C VAL A 262 0.63 -6.54 -11.50
N SER A 263 1.38 -7.15 -12.42
CA SER A 263 1.72 -8.54 -12.26
C SER A 263 2.61 -8.76 -11.03
N TYR A 264 3.56 -7.86 -10.76
CA TYR A 264 4.47 -7.99 -9.62
C TYR A 264 3.68 -7.90 -8.32
N ALA A 265 2.75 -6.93 -8.29
CA ALA A 265 1.84 -6.75 -7.17
C ALA A 265 0.97 -8.00 -6.98
N ALA A 266 0.47 -8.58 -8.07
CA ALA A 266 -0.43 -9.75 -7.99
C ALA A 266 0.23 -10.95 -7.31
N GLU A 267 1.53 -11.11 -7.49
CA GLU A 267 2.27 -12.22 -6.88
C GLU A 267 2.34 -12.09 -5.37
N ARG A 268 2.08 -10.87 -4.90
CA ARG A 268 2.02 -10.54 -3.48
C ARG A 268 0.59 -10.31 -3.02
N TYR A 269 -0.39 -10.72 -3.86
CA TYR A 269 -1.81 -10.58 -3.53
C TYR A 269 -2.13 -9.13 -3.12
N ILE A 270 -1.54 -8.22 -3.89
CA ILE A 270 -1.77 -6.80 -3.79
C ILE A 270 -2.50 -6.31 -5.05
N GLU A 271 -3.64 -5.69 -4.80
CA GLU A 271 -4.45 -5.06 -5.81
C GLU A 271 -3.86 -3.70 -6.12
N VAL A 272 -3.71 -3.39 -7.40
CA VAL A 272 -3.26 -2.07 -7.82
C VAL A 272 -4.45 -1.25 -8.28
N ILE A 273 -4.60 -0.05 -7.74
CA ILE A 273 -5.68 0.83 -8.13
C ILE A 273 -5.04 2.07 -8.74
N PRO A 274 -5.18 2.24 -10.07
CA PRO A 274 -4.60 3.41 -10.74
C PRO A 274 -5.48 4.65 -10.55
N GLU A 275 -4.85 5.81 -10.37
CA GLU A 275 -5.60 7.07 -10.26
C GLU A 275 -5.26 8.02 -11.39
N ILE A 276 -6.31 8.46 -12.09
CA ILE A 276 -6.22 9.60 -12.99
C ILE A 276 -7.05 10.71 -12.36
N ASP A 277 -6.37 11.70 -11.78
CA ASP A 277 -7.05 12.72 -10.99
C ASP A 277 -7.81 13.67 -11.91
N MET A 278 -9.09 13.91 -11.58
CA MET A 278 -9.98 14.82 -12.34
C MET A 278 -11.13 15.32 -11.44
N PRO A 279 -11.74 16.47 -11.75
CA PRO A 279 -11.43 17.43 -12.83
C PRO A 279 -10.26 18.38 -12.51
N GLY A 280 -9.85 18.41 -11.23
CA GLY A 280 -8.70 19.23 -10.79
C GLY A 280 -7.38 18.45 -10.88
N HIS A 281 -6.27 19.10 -10.53
CA HIS A 281 -4.95 18.48 -10.60
C HIS A 281 -4.65 17.91 -12.00
N THR A 282 -5.04 18.69 -13.03
CA THR A 282 -5.01 18.23 -14.40
C THR A 282 -4.10 19.05 -15.31
N ASN A 283 -3.26 19.92 -14.74
CA ASN A 283 -2.39 20.76 -15.60
C ASN A 283 -1.55 19.99 -16.64
N ALA A 284 -0.97 18.86 -16.26
CA ALA A 284 -0.14 18.12 -17.21
C ALA A 284 -0.93 17.74 -18.48
N ALA A 285 -2.18 17.30 -18.33
CA ALA A 285 -3.01 17.00 -19.51
C ALA A 285 -3.28 18.30 -20.30
N LEU A 286 -3.58 19.37 -19.54
CA LEU A 286 -3.87 20.68 -20.13
C LEU A 286 -2.67 21.31 -20.84
N ALA A 287 -1.48 20.92 -20.42
CA ALA A 287 -0.27 21.41 -21.05
C ALA A 287 0.08 20.55 -22.28
N SER A 288 -0.58 19.41 -22.44
CA SER A 288 -0.28 18.48 -23.53
C SER A 288 -1.22 18.74 -24.73
N TYR A 289 -2.47 19.08 -24.43
CA TYR A 289 -3.49 19.25 -25.46
C TYR A 289 -4.25 20.57 -25.31
N GLY A 290 -4.03 21.47 -26.25
CA GLY A 290 -4.68 22.79 -26.18
C GLY A 290 -6.18 22.69 -26.25
N GLU A 291 -6.68 21.69 -26.96
CA GLU A 291 -8.13 21.55 -27.14
C GLU A 291 -8.85 21.21 -25.84
N LEU A 292 -8.09 20.87 -24.78
CA LEU A 292 -8.66 20.64 -23.47
C LEU A 292 -8.92 21.96 -22.69
N ASN A 293 -8.47 23.07 -23.25
CA ASN A 293 -8.54 24.39 -22.63
C ASN A 293 -9.52 25.28 -23.38
N PRO A 294 -10.24 26.16 -22.66
CA PRO A 294 -11.24 27.03 -23.31
C PRO A 294 -10.67 27.87 -24.45
N ASP A 295 -9.43 28.36 -24.32
CA ASP A 295 -8.87 29.18 -25.40
C ASP A 295 -8.15 28.36 -26.48
N GLY A 296 -8.22 27.03 -26.40
CA GLY A 296 -7.59 26.18 -27.41
C GLY A 296 -6.07 26.05 -27.35
N LYS A 297 -5.42 26.76 -26.43
CA LYS A 297 -3.97 26.75 -26.32
C LYS A 297 -3.48 25.88 -25.17
N ARG A 298 -2.36 25.18 -25.37
CA ARG A 298 -1.71 24.40 -24.31
C ARG A 298 -1.33 25.31 -23.14
N LYS A 299 -1.51 24.83 -21.91
CA LYS A 299 -0.93 25.49 -20.75
C LYS A 299 0.58 25.29 -20.79
N ALA A 300 1.33 26.21 -20.20
CA ALA A 300 2.72 25.91 -19.86
C ALA A 300 2.72 24.80 -18.80
N MET A 301 3.75 23.96 -18.84
CA MET A 301 3.98 22.97 -17.82
C MET A 301 4.34 23.68 -16.53
N ARG A 302 3.96 23.09 -15.41
CA ARG A 302 4.16 23.70 -14.11
C ARG A 302 5.09 22.85 -13.25
N THR A 303 6.05 23.50 -12.60
CA THR A 303 7.02 22.79 -11.75
C THR A 303 6.96 23.28 -10.30
N ASP A 304 6.00 24.14 -10.01
CA ASP A 304 5.78 24.63 -8.66
C ASP A 304 4.86 23.66 -7.88
N THR A 305 4.48 24.05 -6.67
CA THR A 305 3.65 23.19 -5.83
C THR A 305 2.29 23.79 -5.52
N ALA A 306 1.91 24.82 -6.27
CA ALA A 306 0.54 25.25 -6.23
C ALA A 306 -0.31 24.03 -6.70
N VAL A 307 -1.59 23.92 -6.34
CA VAL A 307 -2.38 24.58 -5.28
C VAL A 307 -3.88 24.78 -5.75
N GLY A 308 -4.46 23.78 -6.43
CA GLY A 308 -5.93 23.79 -6.78
C GLY A 308 -6.43 24.70 -7.90
N TYR A 309 -5.55 25.03 -8.85
CA TYR A 309 -5.83 26.03 -9.84
C TYR A 309 -6.32 25.46 -11.18
N SER A 310 -6.12 24.17 -11.39
CA SER A 310 -6.39 23.59 -12.71
C SER A 310 -7.77 22.96 -12.78
N THR A 311 -8.37 22.96 -13.98
CA THR A 311 -9.63 22.27 -14.22
C THR A 311 -9.75 21.84 -15.67
N LEU A 312 -10.31 20.64 -15.86
CA LEU A 312 -10.90 20.27 -17.15
C LEU A 312 -12.14 21.14 -17.40
N MET A 313 -12.58 21.21 -18.67
CA MET A 313 -13.77 21.96 -19.07
C MET A 313 -14.99 21.07 -18.78
N PRO A 314 -15.79 21.41 -17.77
CA PRO A 314 -16.86 20.48 -17.32
C PRO A 314 -18.05 20.40 -18.26
N ARG A 315 -18.17 21.37 -19.14
CA ARG A 315 -19.32 21.41 -20.04
C ARG A 315 -18.95 21.26 -21.51
N ALA A 316 -17.73 20.81 -21.80
CA ALA A 316 -17.31 20.52 -23.18
C ALA A 316 -17.25 19.00 -23.43
N GLU A 317 -17.92 18.54 -24.49
CA GLU A 317 -17.92 17.12 -24.85
C GLU A 317 -16.51 16.54 -25.08
N ILE A 318 -15.59 17.35 -25.60
CA ILE A 318 -14.19 16.91 -25.77
C ILE A 318 -13.59 16.38 -24.45
N THR A 319 -13.96 16.99 -23.33
CA THR A 319 -13.51 16.57 -21.99
C THR A 319 -13.88 15.13 -21.70
N TYR A 320 -15.14 14.79 -22.00
CA TYR A 320 -15.67 13.46 -21.78
C TYR A 320 -15.17 12.44 -22.79
N GLN A 321 -14.91 12.86 -24.03
CA GLN A 321 -14.22 12.00 -25.01
C GLN A 321 -12.80 11.67 -24.53
N PHE A 322 -12.06 12.69 -24.13
CA PHE A 322 -10.74 12.48 -23.51
C PHE A 322 -10.80 11.51 -22.31
N VAL A 323 -11.67 11.78 -21.34
CA VAL A 323 -11.77 10.89 -20.16
C VAL A 323 -12.10 9.46 -20.58
N GLU A 324 -13.06 9.31 -21.51
CA GLU A 324 -13.40 7.97 -21.98
C GLU A 324 -12.22 7.20 -22.63
N ASP A 325 -11.44 7.88 -23.48
CA ASP A 325 -10.28 7.25 -24.10
C ASP A 325 -9.28 6.79 -23.07
N VAL A 326 -9.03 7.64 -22.07
CA VAL A 326 -8.12 7.32 -20.97
C VAL A 326 -8.66 6.14 -20.17
N ILE A 327 -9.92 6.21 -19.76
CA ILE A 327 -10.53 5.10 -19.01
C ILE A 327 -10.52 3.78 -19.81
N SER A 328 -10.88 3.85 -21.10
CA SER A 328 -10.87 2.66 -21.95
C SER A 328 -9.49 1.99 -21.96
N GLU A 329 -8.44 2.78 -22.15
CA GLU A 329 -7.08 2.22 -22.26
C GLU A 329 -6.59 1.67 -20.93
N LEU A 330 -6.83 2.44 -19.87
CA LEU A 330 -6.47 2.01 -18.52
C LEU A 330 -7.23 0.77 -18.07
N ALA A 331 -8.54 0.74 -18.30
CA ALA A 331 -9.35 -0.44 -17.95
C ALA A 331 -8.84 -1.71 -18.63
N ALA A 332 -8.44 -1.59 -19.91
CA ALA A 332 -7.89 -2.73 -20.65
C ALA A 332 -6.62 -3.35 -20.03
N ILE A 333 -5.90 -2.57 -19.23
CA ILE A 333 -4.62 -3.05 -18.68
C ILE A 333 -4.59 -3.15 -17.16
N SER A 334 -5.74 -2.88 -16.53
CA SER A 334 -5.84 -2.81 -15.08
C SER A 334 -6.95 -3.73 -14.59
N PRO A 335 -6.57 -4.93 -14.10
CA PRO A 335 -7.57 -5.91 -13.69
C PRO A 335 -8.37 -5.56 -12.44
N SER A 336 -7.89 -4.64 -11.59
CA SER A 336 -8.68 -4.25 -10.41
C SER A 336 -10.10 -3.80 -10.81
N PRO A 337 -11.13 -4.23 -10.04
CA PRO A 337 -12.50 -3.72 -10.30
C PRO A 337 -12.65 -2.22 -10.07
N TYR A 338 -11.62 -1.58 -9.51
CA TYR A 338 -11.65 -0.14 -9.19
C TYR A 338 -10.72 0.72 -10.06
N ILE A 339 -11.23 1.91 -10.37
CA ILE A 339 -10.37 2.98 -10.86
C ILE A 339 -10.58 4.21 -9.98
N HIS A 340 -9.47 4.87 -9.64
CA HIS A 340 -9.54 6.05 -8.80
C HIS A 340 -9.58 7.26 -9.73
N LEU A 341 -10.62 8.08 -9.63
CA LEU A 341 -10.73 9.28 -10.49
C LEU A 341 -10.44 10.60 -9.74
N GLY A 342 -9.85 10.48 -8.56
CA GLY A 342 -9.41 11.67 -7.83
C GLY A 342 -10.59 12.48 -7.29
N GLY A 343 -10.67 13.75 -7.70
CA GLY A 343 -11.76 14.62 -7.23
C GLY A 343 -11.39 15.62 -6.15
N ASP A 344 -10.13 15.67 -5.75
CA ASP A 344 -9.69 16.57 -4.67
C ASP A 344 -9.37 17.97 -5.19
N GLU A 345 -9.55 18.99 -4.33
CA GLU A 345 -9.14 20.37 -4.65
C GLU A 345 -9.49 20.86 -6.06
N SER A 346 -10.72 20.64 -6.49
CA SER A 346 -11.22 21.22 -7.75
C SER A 346 -11.68 22.65 -7.53
N ASN A 347 -10.76 23.48 -7.04
CA ASN A 347 -11.11 24.85 -6.63
C ASN A 347 -11.37 25.77 -7.81
N ALA A 348 -11.02 25.32 -9.00
CA ALA A 348 -11.31 26.10 -10.20
C ALA A 348 -12.57 25.56 -10.89
N THR A 349 -13.29 24.68 -10.19
CA THR A 349 -14.55 24.08 -10.70
C THR A 349 -15.70 24.46 -9.77
N SER A 350 -16.80 25.00 -10.32
CA SER A 350 -17.95 25.32 -9.49
C SER A 350 -18.54 24.05 -8.85
N ALA A 351 -19.19 24.21 -7.71
CA ALA A 351 -19.88 23.08 -7.08
C ALA A 351 -20.83 22.37 -8.08
N ALA A 352 -21.59 23.14 -8.86
CA ALA A 352 -22.57 22.55 -9.80
C ALA A 352 -21.88 21.76 -10.89
N ASP A 353 -20.77 22.30 -11.40
CA ASP A 353 -20.00 21.66 -12.47
C ASP A 353 -19.26 20.43 -11.96
N TYR A 354 -18.78 20.49 -10.72
CA TYR A 354 -18.13 19.32 -10.12
C TYR A 354 -19.10 18.14 -9.93
N ASP A 355 -20.30 18.44 -9.43
CA ASP A 355 -21.35 17.45 -9.23
C ASP A 355 -21.61 16.76 -10.57
N TYR A 356 -21.85 17.58 -11.57
CA TYR A 356 -22.12 17.12 -12.93
C TYR A 356 -20.96 16.30 -13.50
N PHE A 357 -19.75 16.87 -13.43
CA PHE A 357 -18.58 16.22 -14.01
C PHE A 357 -18.35 14.86 -13.37
N PHE A 358 -18.38 14.82 -12.03
CA PHE A 358 -18.00 13.57 -11.37
C PHE A 358 -19.02 12.47 -11.65
N GLY A 359 -20.29 12.86 -11.78
CA GLY A 359 -21.34 11.91 -12.13
C GLY A 359 -21.15 11.38 -13.54
N ARG A 360 -20.82 12.26 -14.48
CA ARG A 360 -20.56 11.81 -15.88
C ARG A 360 -19.38 10.85 -16.02
N VAL A 361 -18.29 11.12 -15.32
CA VAL A 361 -17.12 10.26 -15.45
C VAL A 361 -17.32 8.94 -14.68
N THR A 362 -18.16 8.95 -13.66
CA THR A 362 -18.53 7.73 -12.94
C THR A 362 -19.32 6.81 -13.89
N ALA A 363 -20.23 7.39 -14.67
CA ALA A 363 -20.98 6.63 -15.66
C ALA A 363 -20.05 6.05 -16.72
N ILE A 364 -19.08 6.83 -17.20
CA ILE A 364 -18.09 6.28 -18.16
C ILE A 364 -17.32 5.08 -17.58
N ALA A 365 -16.74 5.27 -16.38
CA ALA A 365 -16.05 4.19 -15.66
C ALA A 365 -16.90 2.93 -15.55
N ASN A 366 -18.15 3.09 -15.12
CA ASN A 366 -19.05 1.97 -14.87
C ASN A 366 -19.31 1.25 -16.19
N SER A 367 -19.41 2.02 -17.29
CA SER A 367 -19.61 1.42 -18.62
C SER A 367 -18.44 0.54 -19.06
N TYR A 368 -17.25 0.83 -18.53
CA TYR A 368 -16.06 0.00 -18.79
C TYR A 368 -15.83 -1.01 -17.68
N GLY A 369 -16.87 -1.26 -16.89
CA GLY A 369 -16.85 -2.33 -15.89
C GLY A 369 -16.01 -2.02 -14.68
N LYS A 370 -15.75 -0.72 -14.44
CA LYS A 370 -14.98 -0.31 -13.26
C LYS A 370 -15.81 0.53 -12.29
N LYS A 371 -15.67 0.23 -10.99
CA LYS A 371 -16.19 1.05 -9.91
C LYS A 371 -15.21 2.19 -9.59
N VAL A 372 -15.74 3.30 -9.14
CA VAL A 372 -14.96 4.53 -8.95
C VAL A 372 -14.62 4.76 -7.47
N VAL A 373 -13.35 5.07 -7.21
CA VAL A 373 -12.90 5.56 -5.92
C VAL A 373 -12.64 7.04 -6.18
N GLY A 374 -12.98 7.91 -5.23
CA GLY A 374 -12.60 9.32 -5.34
C GLY A 374 -12.36 9.94 -3.97
N TRP A 375 -11.47 10.94 -3.91
CA TRP A 375 -11.27 11.74 -2.70
C TRP A 375 -12.56 12.52 -2.35
N ASP A 376 -12.80 12.82 -1.07
CA ASP A 376 -13.87 13.76 -0.73
C ASP A 376 -13.52 15.11 -1.38
N PRO A 377 -14.53 15.87 -1.83
CA PRO A 377 -15.97 15.64 -1.65
C PRO A 377 -16.68 14.82 -2.78
N SER A 378 -15.98 13.89 -3.41
CA SER A 378 -16.56 13.22 -4.60
C SER A 378 -17.83 12.39 -4.32
N ASP A 379 -18.01 11.94 -3.07
CA ASP A 379 -19.21 11.18 -2.64
C ASP A 379 -20.50 12.00 -2.74
N THR A 380 -20.37 13.31 -2.68
CA THR A 380 -21.52 14.20 -2.82
C THR A 380 -22.06 14.28 -4.23
N SER A 381 -21.34 13.75 -5.22
CA SER A 381 -21.86 13.81 -6.58
C SER A 381 -23.17 13.02 -6.70
N SER A 382 -24.18 13.62 -7.34
CA SER A 382 -25.44 12.92 -7.48
C SER A 382 -25.34 11.74 -8.45
N GLY A 383 -24.21 11.64 -9.16
CA GLY A 383 -23.96 10.52 -10.05
C GLY A 383 -23.25 9.34 -9.41
N ALA A 384 -22.84 9.49 -8.14
CA ALA A 384 -22.21 8.36 -7.42
C ALA A 384 -23.22 7.22 -7.18
N THR A 385 -22.74 5.99 -6.99
CA THR A 385 -23.63 4.87 -6.69
C THR A 385 -23.15 4.29 -5.37
N SER A 386 -23.93 3.40 -4.76
CA SER A 386 -23.48 2.76 -3.53
C SER A 386 -22.24 1.86 -3.77
N ASP A 387 -21.89 1.63 -5.04
CA ASP A 387 -20.68 0.84 -5.38
C ASP A 387 -19.44 1.73 -5.47
N SER A 388 -19.66 3.04 -5.59
CA SER A 388 -18.53 3.98 -5.54
C SER A 388 -17.88 3.93 -4.15
N VAL A 389 -16.61 4.30 -4.06
CA VAL A 389 -15.91 4.30 -2.77
C VAL A 389 -15.39 5.70 -2.48
N LEU A 390 -15.55 6.15 -1.24
CA LEU A 390 -14.96 7.43 -0.83
C LEU A 390 -13.60 7.22 -0.14
N GLN A 391 -12.61 7.98 -0.58
CA GLN A 391 -11.36 8.09 0.16
C GLN A 391 -11.45 9.38 0.95
N ASN A 392 -11.61 9.22 2.25
CA ASN A 392 -11.85 10.32 3.14
C ASN A 392 -10.52 10.79 3.66
N TRP A 393 -10.02 11.89 3.11
CA TRP A 393 -8.78 12.50 3.58
C TRP A 393 -9.00 13.66 4.52
N THR A 394 -10.10 14.37 4.34
CA THR A 394 -10.40 15.54 5.18
C THR A 394 -10.69 15.19 6.65
N CYS A 395 -11.52 14.14 6.83
CA CYS A 395 -11.80 13.59 8.16
C CYS A 395 -12.42 14.63 9.11
N SER A 396 -13.33 15.44 8.57
CA SER A 396 -14.03 16.42 9.39
C SER A 396 -15.41 15.86 9.74
N ALA A 397 -16.13 16.53 10.65
CA ALA A 397 -17.45 16.05 11.09
C ALA A 397 -18.42 15.80 9.95
N SER A 398 -18.39 16.64 8.93
CA SER A 398 -19.37 16.53 7.84
C SER A 398 -18.88 15.70 6.63
N THR A 399 -17.58 15.40 6.58
CA THR A 399 -17.02 14.63 5.47
C THR A 399 -17.67 13.24 5.39
N GLY A 400 -18.08 12.83 4.20
CA GLY A 400 -18.65 11.49 4.01
C GLY A 400 -20.09 11.32 4.50
N THR A 401 -20.78 12.44 4.73
CA THR A 401 -22.23 12.42 5.01
C THR A 401 -22.98 11.78 3.84
N ALA A 402 -22.62 12.18 2.64
CA ALA A 402 -23.17 11.62 1.41
C ALA A 402 -22.84 10.13 1.24
N ALA A 403 -21.56 9.77 1.36
CA ALA A 403 -21.13 8.36 1.30
C ALA A 403 -21.92 7.50 2.29
N LYS A 404 -22.02 7.95 3.55
CA LYS A 404 -22.78 7.19 4.56
C LYS A 404 -24.24 6.99 4.13
N ALA A 405 -24.90 8.08 3.72
CA ALA A 405 -26.30 8.05 3.29
C ALA A 405 -26.52 7.13 2.09
N LYS A 406 -25.51 7.05 1.20
CA LYS A 406 -25.59 6.22 0.00
C LYS A 406 -25.11 4.77 0.16
N GLY A 407 -24.63 4.39 1.34
CA GLY A 407 -24.11 3.04 1.56
C GLY A 407 -22.75 2.80 0.92
N MET A 408 -21.98 3.87 0.68
CA MET A 408 -20.65 3.74 0.08
C MET A 408 -19.61 3.38 1.14
N LYS A 409 -18.78 2.39 0.84
CA LYS A 409 -17.57 2.07 1.62
C LYS A 409 -16.64 3.27 1.69
N VAL A 410 -15.89 3.36 2.78
CA VAL A 410 -14.99 4.50 2.99
C VAL A 410 -13.58 4.00 3.35
N ILE A 411 -12.58 4.55 2.65
CA ILE A 411 -11.16 4.32 2.95
C ILE A 411 -10.70 5.59 3.66
N VAL A 412 -10.08 5.44 4.84
CA VAL A 412 -9.67 6.61 5.59
C VAL A 412 -8.19 6.94 5.41
N SER A 413 -7.88 8.23 5.28
CA SER A 413 -6.51 8.72 5.14
C SER A 413 -6.41 10.04 5.93
N PRO A 414 -6.48 9.96 7.28
CA PRO A 414 -6.38 11.16 8.12
C PRO A 414 -4.95 11.70 8.15
N ALA A 415 -4.71 12.79 8.90
CA ALA A 415 -3.33 13.30 9.02
C ALA A 415 -2.37 12.18 9.42
N ASN A 416 -2.81 11.32 10.35
CA ASN A 416 -2.01 10.21 10.84
C ASN A 416 -1.53 9.23 9.76
N ALA A 417 -2.15 9.29 8.57
CA ALA A 417 -1.80 8.42 7.42
C ALA A 417 -1.15 9.18 6.26
N TYR A 418 -0.99 10.49 6.45
CA TYR A 418 -0.27 11.33 5.49
C TYR A 418 1.24 11.26 5.78
N LEU A 419 1.87 10.21 5.27
CA LEU A 419 3.24 9.87 5.66
C LEU A 419 4.28 10.83 5.11
N ASP A 420 3.85 11.69 4.18
CA ASP A 420 4.74 12.72 3.60
C ASP A 420 4.94 13.93 4.55
N MET A 421 4.19 13.97 5.64
CA MET A 421 4.43 15.03 6.63
C MET A 421 5.76 14.83 7.32
N LYS A 422 6.48 15.92 7.53
CA LYS A 422 7.65 15.92 8.40
C LYS A 422 7.39 15.12 9.69
N TYR A 423 8.40 14.37 10.12
CA TYR A 423 8.40 13.76 11.47
C TYR A 423 8.34 14.85 12.55
N TYR A 424 9.08 15.93 12.33
CA TYR A 424 9.32 17.00 13.33
C TYR A 424 9.50 18.31 12.60
N SER A 425 9.32 19.41 13.33
CA SER A 425 9.62 20.74 12.79
C SER A 425 10.90 20.81 11.96
N ASP A 426 11.95 20.15 12.44
CA ASP A 426 13.25 20.22 11.75
C ASP A 426 13.53 19.13 10.68
N SER A 427 12.52 18.36 10.24
CA SER A 427 12.82 17.32 9.23
C SER A 427 13.38 17.93 7.96
N PRO A 428 14.39 17.27 7.35
CA PRO A 428 15.02 17.86 6.17
C PRO A 428 14.18 17.70 4.90
N ILE A 429 13.18 16.80 4.94
CA ILE A 429 12.22 16.62 3.83
C ILE A 429 10.80 16.50 4.38
N GLY A 430 9.78 16.61 3.50
CA GLY A 430 8.39 16.49 3.90
C GLY A 430 7.65 17.83 3.92
N LEU A 431 6.31 17.74 3.96
CA LEU A 431 5.44 18.90 4.12
C LEU A 431 4.93 19.00 5.54
N GLN A 432 4.09 19.99 5.82
CA GLN A 432 3.61 20.21 7.19
C GLN A 432 2.20 20.79 7.25
N TRP A 433 1.47 20.71 6.14
CA TRP A 433 0.11 21.31 6.12
C TRP A 433 -0.94 20.49 6.90
N ARG A 434 -0.58 19.28 7.35
CA ARG A 434 -1.37 18.53 8.33
C ARG A 434 -0.67 18.43 9.68
N GLY A 435 0.30 19.31 9.90
CA GLY A 435 1.13 19.22 11.09
C GLY A 435 2.26 18.22 10.88
N PHE A 436 2.90 17.80 11.98
CA PHE A 436 4.00 16.83 11.88
C PHE A 436 3.42 15.45 12.20
N VAL A 437 3.96 14.42 11.56
CA VAL A 437 3.47 13.05 11.82
C VAL A 437 4.69 12.18 12.12
N ASN A 438 4.94 11.96 13.41
CA ASN A 438 6.04 11.10 13.79
C ASN A 438 5.55 9.65 13.87
N THR A 439 6.42 8.72 14.28
CA THR A 439 6.04 7.31 14.34
C THR A 439 4.90 7.07 15.33
N ASN A 440 4.90 7.83 16.44
CA ASN A 440 3.85 7.74 17.46
C ASN A 440 2.48 8.19 16.94
N ARG A 441 2.44 9.37 16.32
CA ARG A 441 1.24 9.89 15.70
C ARG A 441 0.69 8.95 14.64
N ALA A 442 1.58 8.29 13.90
CA ALA A 442 1.18 7.37 12.83
C ALA A 442 0.54 6.11 13.40
N TYR A 443 0.72 5.89 14.72
CA TYR A 443 0.19 4.71 15.44
C TYR A 443 -1.09 4.99 16.23
N ASN A 444 -1.11 6.14 16.93
CA ASN A 444 -2.11 6.39 17.97
C ASN A 444 -3.38 7.01 17.40
N TRP A 445 -4.14 6.19 16.69
CA TRP A 445 -5.40 6.60 16.10
C TRP A 445 -6.21 5.36 15.76
N ASP A 446 -7.47 5.56 15.41
CA ASP A 446 -8.33 4.48 14.95
C ASP A 446 -9.12 4.98 13.77
N PRO A 447 -9.35 4.13 12.74
CA PRO A 447 -10.21 4.57 11.65
C PRO A 447 -11.55 5.23 12.07
N THR A 448 -12.17 4.78 13.17
CA THR A 448 -13.40 5.42 13.65
C THR A 448 -13.21 6.87 14.13
N ASP A 449 -11.97 7.29 14.36
CA ASP A 449 -11.68 8.70 14.70
C ASP A 449 -11.91 9.63 13.52
N CYS A 450 -11.72 9.12 12.30
CA CYS A 450 -11.84 9.94 11.08
C CYS A 450 -13.30 10.15 10.71
N ILE A 451 -14.08 9.07 10.83
CA ILE A 451 -15.51 9.06 10.45
C ILE A 451 -16.31 8.12 11.35
N LYS A 452 -17.47 8.59 11.80
CA LYS A 452 -18.38 7.79 12.62
C LYS A 452 -19.59 7.40 11.80
N GLY A 453 -20.16 6.22 12.07
CA GLY A 453 -21.37 5.76 11.39
C GLY A 453 -21.17 5.25 9.95
N ALA A 454 -19.92 5.02 9.55
CA ALA A 454 -19.65 4.58 8.18
C ALA A 454 -19.31 3.09 8.10
N ASN A 455 -19.43 2.56 6.88
CA ASN A 455 -18.85 1.27 6.53
C ASN A 455 -17.41 1.56 6.14
N ILE A 456 -16.49 1.34 7.08
CA ILE A 456 -15.07 1.62 6.81
C ILE A 456 -14.43 0.37 6.21
N TYR A 457 -14.12 0.48 4.92
CA TYR A 457 -13.44 -0.54 4.11
C TYR A 457 -12.02 -0.71 4.63
N GLY A 458 -11.37 0.40 5.00
CA GLY A 458 -10.09 0.31 5.67
C GLY A 458 -9.29 1.59 5.59
N VAL A 459 -7.98 1.45 5.52
CA VAL A 459 -7.07 2.58 5.63
C VAL A 459 -6.09 2.68 4.48
N GLU A 460 -5.70 3.91 4.13
CA GLU A 460 -4.66 4.07 3.13
C GLU A 460 -3.61 5.14 3.51
N SER A 461 -2.34 4.70 3.55
CA SER A 461 -1.22 5.59 3.82
C SER A 461 -0.91 6.29 2.51
N THR A 462 -0.82 7.62 2.52
CA THR A 462 -0.51 8.36 1.29
C THR A 462 0.89 8.99 1.36
N LEU A 463 1.70 8.71 0.36
CA LEU A 463 3.01 9.34 0.24
C LEU A 463 3.08 10.24 -0.99
N TRP A 464 2.72 11.51 -0.76
CA TRP A 464 2.85 12.57 -1.76
C TRP A 464 4.31 12.91 -1.89
N THR A 465 4.70 13.43 -3.07
CA THR A 465 6.14 13.50 -3.38
C THR A 465 6.63 14.88 -3.80
N GLU A 466 5.94 15.94 -3.36
CA GLU A 466 6.45 17.31 -3.63
C GLU A 466 7.94 17.46 -3.30
N THR A 467 8.37 16.86 -2.19
CA THR A 467 9.70 17.10 -1.64
C THR A 467 10.60 15.86 -1.67
N PHE A 468 10.13 14.76 -2.27
CA PHE A 468 10.91 13.53 -2.27
C PHE A 468 11.37 13.26 -3.71
N VAL A 469 12.69 13.22 -3.91
CA VAL A 469 13.23 13.03 -5.25
C VAL A 469 13.92 11.67 -5.39
N THR A 470 14.45 11.12 -4.30
CA THR A 470 15.22 9.87 -4.38
C THR A 470 14.54 8.72 -3.66
N GLN A 471 14.95 7.50 -3.96
CA GLN A 471 14.51 6.35 -3.19
C GLN A 471 14.82 6.51 -1.69
N ASP A 472 15.99 7.07 -1.33
CA ASP A 472 16.32 7.24 0.08
C ASP A 472 15.29 8.13 0.78
N HIS A 473 14.77 9.14 0.07
CA HIS A 473 13.69 10.01 0.61
C HIS A 473 12.43 9.23 0.92
N LEU A 474 12.02 8.38 -0.03
CA LEU A 474 10.89 7.47 0.18
C LEU A 474 11.09 6.60 1.42
N ASP A 475 12.24 5.92 1.50
CA ASP A 475 12.53 5.04 2.64
C ASP A 475 12.42 5.78 3.96
N TYR A 476 13.06 6.95 4.02
CA TYR A 476 13.10 7.77 5.24
C TYR A 476 11.70 8.10 5.80
N MET A 477 10.75 8.43 4.91
CA MET A 477 9.40 8.82 5.36
C MET A 477 8.47 7.64 5.56
N LEU A 478 8.63 6.58 4.78
CA LEU A 478 7.77 5.41 4.90
C LEU A 478 8.19 4.53 6.06
N TYR A 479 9.45 4.58 6.45
CA TYR A 479 9.96 3.65 7.46
C TYR A 479 10.64 4.45 8.56
N PRO A 480 10.12 4.32 9.80
CA PRO A 480 9.10 3.35 10.28
C PRO A 480 7.60 3.72 10.22
N LYS A 481 7.23 4.87 9.67
CA LYS A 481 5.83 5.34 9.77
C LYS A 481 4.81 4.37 9.21
N LEU A 482 5.13 3.77 8.07
CA LEU A 482 4.25 2.82 7.42
C LEU A 482 3.97 1.62 8.33
N LEU A 483 4.93 1.23 9.15
CA LEU A 483 4.74 0.09 10.07
C LEU A 483 3.63 0.40 11.08
N SER A 484 3.58 1.65 11.54
CA SER A 484 2.50 2.09 12.45
C SER A 484 1.15 2.00 11.75
N ASN A 485 1.03 2.58 10.56
CA ASN A 485 -0.22 2.53 9.81
C ASN A 485 -0.65 1.10 9.50
N ALA A 486 0.31 0.26 9.16
CA ALA A 486 0.05 -1.15 8.83
C ALA A 486 -0.60 -1.88 10.00
N GLU A 487 -0.11 -1.62 11.20
CA GLU A 487 -0.71 -2.20 12.41
C GLU A 487 -2.13 -1.69 12.73
N VAL A 488 -2.36 -0.39 12.56
CA VAL A 488 -3.71 0.19 12.66
C VAL A 488 -4.69 -0.51 11.72
N GLY A 489 -4.25 -0.88 10.51
CA GLY A 489 -5.12 -1.61 9.55
C GLY A 489 -5.37 -3.07 9.92
N TRP A 490 -4.33 -3.73 10.42
CA TRP A 490 -4.38 -5.17 10.66
C TRP A 490 -4.86 -5.53 12.08
N THR A 491 -4.24 -4.94 13.08
CA THR A 491 -4.44 -5.31 14.48
C THR A 491 -5.67 -4.65 15.04
N ALA A 492 -6.49 -5.42 15.74
CA ALA A 492 -7.71 -4.89 16.35
C ALA A 492 -7.36 -3.78 17.37
N ARG A 493 -8.22 -2.77 17.46
CA ARG A 493 -7.94 -1.62 18.37
C ARG A 493 -7.69 -2.02 19.84
N GLY A 494 -8.47 -2.97 20.34
CA GLY A 494 -8.31 -3.49 21.71
C GLY A 494 -6.93 -4.08 21.98
N ASP A 495 -6.23 -4.46 20.91
CA ASP A 495 -4.89 -5.08 21.02
C ASP A 495 -3.74 -4.12 20.66
N ARG A 496 -4.07 -2.87 20.35
CA ARG A 496 -3.05 -1.89 19.99
C ARG A 496 -2.68 -1.05 21.19
N ASN A 497 -1.39 -0.76 21.31
CA ASN A 497 -0.85 -0.05 22.48
C ASN A 497 0.54 0.46 22.08
N TRP A 498 0.73 1.78 22.17
CA TRP A 498 1.98 2.42 21.72
C TRP A 498 3.19 1.88 22.46
N ASP A 499 3.09 1.76 23.80
CA ASP A 499 4.20 1.27 24.61
C ASP A 499 4.67 -0.11 24.19
N ASP A 500 3.70 -1.00 23.92
CA ASP A 500 3.97 -2.31 23.33
C ASP A 500 4.63 -2.21 21.92
N PHE A 501 4.00 -1.47 21.01
CA PHE A 501 4.46 -1.35 19.63
C PHE A 501 5.85 -0.76 19.54
N LYS A 502 6.09 0.30 20.33
CA LYS A 502 7.38 0.98 20.37
C LYS A 502 8.51 0.01 20.71
N GLU A 503 8.29 -0.81 21.74
CA GLU A 503 9.31 -1.79 22.15
C GLU A 503 9.51 -2.86 21.06
N ARG A 504 8.41 -3.35 20.47
CA ARG A 504 8.50 -4.25 19.30
C ARG A 504 9.23 -3.60 18.10
N LEU A 505 9.00 -2.32 17.85
CA LEU A 505 9.71 -1.59 16.78
C LEU A 505 11.22 -1.51 17.00
N ILE A 506 11.64 -1.26 18.25
CA ILE A 506 13.06 -1.30 18.60
C ILE A 506 13.65 -2.66 18.23
N GLU A 507 12.97 -3.73 18.64
CA GLU A 507 13.43 -5.08 18.34
C GLU A 507 13.53 -5.32 16.82
N HIS A 508 12.61 -4.70 16.08
CA HIS A 508 12.53 -4.87 14.62
C HIS A 508 13.62 -4.13 13.84
N THR A 509 14.27 -3.15 14.48
CA THR A 509 15.24 -2.30 13.77
C THR A 509 16.29 -2.99 12.92
N PRO A 510 17.01 -3.99 13.47
CA PRO A 510 18.00 -4.67 12.63
C PRO A 510 17.39 -5.23 11.34
N ARG A 511 16.11 -5.58 11.37
CA ARG A 511 15.47 -6.12 10.16
C ARG A 511 15.29 -5.09 9.05
N LEU A 512 14.95 -3.86 9.44
CA LEU A 512 14.92 -2.72 8.49
C LEU A 512 16.30 -2.49 7.88
N GLN A 513 17.32 -2.52 8.74
CA GLN A 513 18.73 -2.35 8.31
C GLN A 513 19.07 -3.46 7.31
N ASN A 514 18.72 -4.69 7.68
CA ASN A 514 19.01 -5.85 6.84
C ASN A 514 18.41 -5.80 5.43
N LYS A 515 17.21 -5.22 5.34
CA LYS A 515 16.48 -5.05 4.07
C LYS A 515 17.03 -3.91 3.21
N GLY A 516 17.98 -3.15 3.76
CA GLY A 516 18.58 -2.02 3.03
C GLY A 516 17.67 -0.81 3.05
N ILE A 517 16.75 -0.75 4.01
CA ILE A 517 15.83 0.40 4.08
C ILE A 517 16.54 1.58 4.75
N LYS A 518 16.54 2.75 4.10
CA LYS A 518 17.17 3.94 4.64
C LYS A 518 16.17 4.69 5.49
N PHE A 519 15.75 4.02 6.57
CA PHE A 519 14.73 4.50 7.50
C PHE A 519 15.22 5.67 8.34
N PHE A 520 14.28 6.43 8.90
CA PHE A 520 14.62 7.44 9.89
C PHE A 520 14.61 6.85 11.28
N ALA A 521 15.73 7.02 12.00
CA ALA A 521 15.81 6.56 13.40
C ALA A 521 15.09 7.56 14.31
N ASP A 522 13.80 7.35 14.47
CA ASP A 522 12.92 8.32 15.11
C ASP A 522 13.24 8.38 16.61
N PRO A 523 13.54 9.59 17.12
CA PRO A 523 13.89 9.71 18.52
C PRO A 523 12.77 9.45 19.53
N ILE A 524 11.51 9.30 19.07
CA ILE A 524 10.41 8.90 19.95
C ILE A 524 10.32 7.36 20.15
N VAL A 525 11.18 6.62 19.45
CA VAL A 525 11.22 5.15 19.55
C VAL A 525 12.45 4.69 20.34
S SO4 B . -6.22 17.95 9.78
O1 SO4 B . -7.17 19.01 9.44
O2 SO4 B . -6.89 16.63 9.65
O3 SO4 B . -5.10 18.00 8.85
O4 SO4 B . -5.72 18.14 11.16
O1 GC2 C . -4.10 15.15 -0.30
C8 GC2 C . -4.76 15.25 -1.36
C10 GC2 C . -5.87 14.27 -1.68
N2 GC2 C . -4.57 16.18 -2.30
C2 GC2 C . -3.55 17.27 -2.23
C3 GC2 C . -2.11 16.74 -2.46
O4 GC2 C . -1.96 16.32 -3.80
C4 GC2 C . -1.00 17.78 -2.13
O2 GC2 C . 0.23 17.08 -1.93
C1 GC2 C . -3.68 18.08 -0.91
N1 GC2 C . -2.65 19.16 -0.99
C5 GC2 C . -1.30 18.57 -0.88
C9 GC2 C . -2.68 20.16 0.10
C7 GC2 C . -1.31 20.86 -0.11
C6 GC2 C . -0.37 19.76 -0.66
O3 GC2 C . 0.23 20.18 -1.91
#